data_2JDO
#
_entry.id   2JDO
#
_cell.length_a   45.262
_cell.length_b   60.700
_cell.length_c   132.567
_cell.angle_alpha   90.00
_cell.angle_beta   90.00
_cell.angle_gamma   90.00
#
_symmetry.space_group_name_H-M   'P 21 21 21'
#
loop_
_entity.id
_entity.type
_entity.pdbx_description
1 polymer 'RAC-BETA SERINE/THREONINE-PROTEIN KINASE'
2 polymer 'GLYCOGEN SYNTHASE KINASE-3 BETA'
3 non-polymer 'ISOQUINOLINE-5-SULFONIC ACID (2-(2-(4-CHLOROBENZYLOXY)ETHYLAMINO)ETHYL)AMIDE'
4 non-polymer 1,2-ETHANEDIOL
5 water water
#
loop_
_entity_poly.entity_id
_entity_poly.type
_entity_poly.pdbx_seq_one_letter_code
_entity_poly.pdbx_strand_id
1 'polypeptide(L)'
;GAMDPKVTMNDFDYLKLLGKGTFGKVILVREKATGRYYAMKILRKEVIIAKDEVAHTVTESRVLQNTRHPFLTALKYAFQ
THDRLCFVMEYANGGELFFHLSRERVFTEERARFYGAEIVSALEYLHSRDVVYRDIKLENLMLDKDGHIKITDFGLCKEG
ISDGATMK(TPO)FCGTPEYLAPEVLEDNDYGRAVDWWGLGVVMYEMMCGRLPFYNQDHERLFELILMEEIRFPRTLSPE
AKSLLAGLLKKDPKQRLGGGPSDAKEVMEHRFFLSINWQDVVQKKLLPPFKPQVTSEVDTRYFDDEFTAQSITITPPDRY
DSLGLLELDQREEQEMFEDFDYIADW
;
A
2 'polypeptide(L)' GRPRTTSFAE C
#
# COMPACT_ATOMS: atom_id res chain seq x y z
N LYS A 6 -26.11 4.46 13.94
CA LYS A 6 -25.46 5.63 13.26
C LYS A 6 -24.26 6.13 14.06
N VAL A 7 -23.28 6.69 13.35
CA VAL A 7 -22.02 7.15 13.94
C VAL A 7 -21.72 8.58 13.51
N THR A 8 -21.23 9.40 14.44
CA THR A 8 -20.92 10.81 14.17
C THR A 8 -19.52 11.19 14.66
N MET A 9 -19.10 12.41 14.34
CA MET A 9 -17.78 12.93 14.76
C MET A 9 -17.64 12.94 16.27
N ASN A 10 -18.73 13.21 16.97
CA ASN A 10 -18.70 13.37 18.42
C ASN A 10 -18.62 12.05 19.17
N ASP A 11 -18.74 10.93 18.47
CA ASP A 11 -18.57 9.60 19.06
C ASP A 11 -17.10 9.25 19.33
N PHE A 12 -16.17 10.14 18.98
CA PHE A 12 -14.73 9.88 19.08
C PHE A 12 -13.93 10.98 19.79
N ASP A 13 -12.85 10.57 20.46
CA ASP A 13 -11.80 11.48 20.90
C ASP A 13 -10.75 11.56 19.79
N TYR A 14 -10.21 12.76 19.56
CA TYR A 14 -9.23 13.00 18.50
C TYR A 14 -7.88 13.29 19.14
N LEU A 15 -6.94 12.36 18.98
CA LEU A 15 -5.75 12.32 19.81
C LEU A 15 -4.49 12.84 19.13
N LYS A 16 -4.14 12.28 17.97
CA LYS A 16 -2.88 12.59 17.31
C LYS A 16 -2.99 12.53 15.79
N LEU A 17 -2.29 13.44 15.12
CA LEU A 17 -2.18 13.41 13.67
C LEU A 17 -1.18 12.31 13.29
N LEU A 18 -1.62 11.36 12.46
CA LEU A 18 -0.75 10.26 12.02
C LEU A 18 -0.20 10.51 10.62
N GLY A 19 -0.99 11.18 9.78
CA GLY A 19 -0.60 11.38 8.38
C GLY A 19 -1.47 12.43 7.74
N LYS A 20 -0.98 12.97 6.62
CA LYS A 20 -1.56 14.15 6.01
C LYS A 20 -1.18 14.19 4.53
N GLY A 21 -2.14 14.46 3.66
CA GLY A 21 -1.87 14.73 2.24
C GLY A 21 -2.70 15.93 1.79
N THR A 22 -2.61 16.26 0.51
CA THR A 22 -3.46 17.32 -0.04
C THR A 22 -4.95 17.02 0.21
N PHE A 23 -5.35 15.77 0.03
CA PHE A 23 -6.79 15.45 0.05
C PHE A 23 -7.31 14.84 1.34
N GLY A 24 -6.54 14.96 2.42
CA GLY A 24 -7.05 14.56 3.73
C GLY A 24 -6.03 14.41 4.83
N LYS A 25 -6.54 14.08 6.01
CA LYS A 25 -5.74 13.84 7.21
C LYS A 25 -6.16 12.52 7.82
N VAL A 26 -5.22 11.88 8.50
CA VAL A 26 -5.54 10.66 9.25
C VAL A 26 -5.20 10.92 10.70
N ILE A 27 -6.19 10.75 11.57
CA ILE A 27 -6.06 11.04 12.99
C ILE A 27 -6.29 9.76 13.81
N LEU A 28 -5.46 9.58 14.84
CA LEU A 28 -5.65 8.52 15.81
C LEU A 28 -6.83 8.92 16.69
N VAL A 29 -7.86 8.09 16.71
CA VAL A 29 -9.05 8.37 17.51
C VAL A 29 -9.38 7.23 18.48
N ARG A 30 -10.10 7.57 19.54
CA ARG A 30 -10.68 6.60 20.45
C ARG A 30 -12.19 6.70 20.38
N GLU A 31 -12.85 5.57 20.16
CA GLU A 31 -14.31 5.50 20.21
C GLU A 31 -14.72 5.59 21.69
N LYS A 32 -15.43 6.65 22.02
CA LYS A 32 -15.73 6.97 23.42
C LYS A 32 -16.41 5.81 24.15
N ALA A 33 -17.40 5.21 23.50
CA ALA A 33 -18.25 4.22 24.17
C ALA A 33 -17.55 2.87 24.43
N THR A 34 -16.50 2.58 23.65
CA THR A 34 -15.83 1.29 23.73
C THR A 34 -14.39 1.37 24.23
N GLY A 35 -13.77 2.54 24.11
CA GLY A 35 -12.36 2.69 24.45
C GLY A 35 -11.42 2.15 23.38
N ARG A 36 -11.96 1.72 22.24
CA ARG A 36 -11.15 1.16 21.16
C ARG A 36 -10.55 2.25 20.31
N TYR A 37 -9.32 2.02 19.84
CA TYR A 37 -8.61 2.98 19.01
C TYR A 37 -8.73 2.62 17.53
N TYR A 38 -8.80 3.66 16.70
CA TYR A 38 -8.89 3.54 15.24
C TYR A 38 -8.11 4.68 14.59
N ALA A 39 -7.93 4.57 13.28
CA ALA A 39 -7.36 5.62 12.46
C ALA A 39 -8.49 6.19 11.61
N MET A 40 -8.77 7.49 11.79
CA MET A 40 -9.86 8.13 11.04
C MET A 40 -9.31 9.03 9.95
N LYS A 41 -9.61 8.69 8.71
CA LYS A 41 -9.25 9.50 7.57
C LYS A 41 -10.40 10.47 7.33
N ILE A 42 -10.08 11.77 7.31
CA ILE A 42 -11.07 12.83 7.15
C ILE A 42 -10.76 13.59 5.87
N LEU A 43 -11.75 13.64 4.97
CA LEU A 43 -11.65 14.38 3.71
C LEU A 43 -12.64 15.55 3.69
N ARG A 44 -12.28 16.61 2.96
CA ARG A 44 -13.14 17.79 2.78
C ARG A 44 -13.91 17.68 1.47
N LYS A 45 -15.22 17.53 1.57
CA LYS A 45 -16.07 17.36 0.38
C LYS A 45 -15.81 18.42 -0.68
N GLU A 46 -15.77 19.68 -0.26
CA GLU A 46 -15.61 20.81 -1.18
C GLU A 46 -14.32 20.71 -1.99
N VAL A 47 -13.25 20.22 -1.36
CA VAL A 47 -11.96 20.06 -2.02
C VAL A 47 -11.99 18.85 -2.96
N ILE A 48 -12.56 17.75 -2.47
CA ILE A 48 -12.66 16.53 -3.27
C ILE A 48 -13.46 16.77 -4.55
N ILE A 49 -14.56 17.52 -4.42
CA ILE A 49 -15.40 17.85 -5.57
C ILE A 49 -14.68 18.80 -6.53
N ALA A 50 -14.13 19.89 -6.00
CA ALA A 50 -13.45 20.90 -6.81
C ALA A 50 -12.28 20.33 -7.62
N LYS A 51 -11.53 19.41 -7.04
CA LYS A 51 -10.35 18.86 -7.69
C LYS A 51 -10.58 17.51 -8.37
N ASP A 52 -11.84 17.13 -8.55
CA ASP A 52 -12.21 15.93 -9.30
C ASP A 52 -11.64 14.64 -8.69
N GLU A 53 -11.70 14.54 -7.36
CA GLU A 53 -11.23 13.37 -6.64
C GLU A 53 -12.40 12.49 -6.14
N VAL A 54 -13.60 12.79 -6.61
CA VAL A 54 -14.79 12.05 -6.18
C VAL A 54 -14.71 10.59 -6.61
N ALA A 55 -14.33 10.34 -7.86
CA ALA A 55 -14.23 8.97 -8.37
C ALA A 55 -13.24 8.14 -7.54
N HIS A 56 -12.08 8.71 -7.25
CA HIS A 56 -11.07 8.05 -6.42
C HIS A 56 -11.61 7.75 -5.02
N THR A 57 -12.31 8.70 -4.43
CA THR A 57 -12.87 8.56 -3.09
C THR A 57 -13.95 7.47 -3.06
N VAL A 58 -14.80 7.45 -4.08
CA VAL A 58 -15.81 6.41 -4.24
C VAL A 58 -15.18 5.02 -4.42
N THR A 59 -14.14 4.93 -5.24
CA THR A 59 -13.43 3.67 -5.42
C THR A 59 -12.83 3.21 -4.09
N GLU A 60 -12.16 4.11 -3.40
CA GLU A 60 -11.57 3.81 -2.09
C GLU A 60 -12.66 3.26 -1.16
N SER A 61 -13.79 3.95 -1.11
CA SER A 61 -14.93 3.50 -0.31
C SER A 61 -15.41 2.10 -0.71
N ARG A 62 -15.59 1.87 -2.00
CA ARG A 62 -16.10 0.57 -2.47
C ARG A 62 -15.14 -0.58 -2.16
N VAL A 63 -13.86 -0.34 -2.39
CA VAL A 63 -12.85 -1.37 -2.11
C VAL A 63 -12.83 -1.71 -0.63
N LEU A 64 -12.84 -0.69 0.23
CA LEU A 64 -12.87 -0.89 1.68
C LEU A 64 -14.13 -1.62 2.11
N GLN A 65 -15.29 -1.20 1.60
CA GLN A 65 -16.54 -1.84 1.96
C GLN A 65 -16.60 -3.32 1.52
N ASN A 66 -15.96 -3.65 0.39
CA ASN A 66 -16.10 -4.96 -0.24
C ASN A 66 -14.84 -5.84 -0.24
N THR A 67 -13.88 -5.55 0.63
CA THR A 67 -12.74 -6.45 0.81
C THR A 67 -12.62 -6.87 2.26
N ARG A 68 -12.05 -8.06 2.46
CA ARG A 68 -11.81 -8.60 3.78
C ARG A 68 -10.61 -9.53 3.64
N HIS A 69 -9.47 -9.10 4.17
CA HIS A 69 -8.21 -9.82 4.05
C HIS A 69 -7.26 -9.34 5.15
N PRO A 70 -6.49 -10.27 5.76
CA PRO A 70 -5.64 -9.86 6.89
C PRO A 70 -4.60 -8.79 6.58
N PHE A 71 -4.20 -8.68 5.32
CA PHE A 71 -3.13 -7.73 4.93
C PHE A 71 -3.66 -6.54 4.13
N LEU A 72 -4.97 -6.31 4.22
CA LEU A 72 -5.58 -5.08 3.73
C LEU A 72 -6.16 -4.35 4.94
N THR A 73 -5.95 -3.04 4.97
CA THR A 73 -6.58 -2.20 5.97
C THR A 73 -8.09 -2.40 5.91
N ALA A 74 -8.69 -2.61 7.07
CA ALA A 74 -10.14 -2.88 7.19
C ALA A 74 -10.89 -1.62 7.66
N LEU A 75 -12.09 -1.46 7.14
CA LEU A 75 -12.97 -0.34 7.48
C LEU A 75 -13.97 -0.76 8.54
N LYS A 76 -14.00 -0.01 9.65
CA LYS A 76 -14.94 -0.27 10.75
C LYS A 76 -16.25 0.49 10.52
N TYR A 77 -16.14 1.81 10.33
CA TYR A 77 -17.28 2.65 10.03
C TYR A 77 -16.92 3.65 8.93
N ALA A 78 -17.91 4.01 8.11
CA ALA A 78 -17.78 5.19 7.27
C ALA A 78 -19.01 6.05 7.50
N PHE A 79 -18.82 7.37 7.58
CA PHE A 79 -19.94 8.30 7.73
C PHE A 79 -19.57 9.66 7.14
N GLN A 80 -20.56 10.55 7.08
CA GLN A 80 -20.31 11.85 6.50
C GLN A 80 -21.07 12.94 7.23
N THR A 81 -20.65 14.17 6.98
CA THR A 81 -21.37 15.36 7.41
C THR A 81 -21.63 16.20 6.17
N HIS A 82 -22.22 17.37 6.35
CA HIS A 82 -22.46 18.29 5.25
C HIS A 82 -21.18 18.62 4.47
N ASP A 83 -20.04 18.70 5.17
CA ASP A 83 -18.79 19.10 4.54
C ASP A 83 -17.63 18.08 4.63
N ARG A 84 -17.85 16.93 5.27
CA ARG A 84 -16.76 15.97 5.50
C ARG A 84 -17.15 14.52 5.23
N LEU A 85 -16.15 13.75 4.80
CA LEU A 85 -16.26 12.30 4.65
C LEU A 85 -15.28 11.70 5.64
N CYS A 86 -15.69 10.67 6.37
CA CYS A 86 -14.83 10.06 7.40
C CYS A 86 -14.79 8.54 7.25
N PHE A 87 -13.58 7.99 7.09
CA PHE A 87 -13.36 6.53 7.15
C PHE A 87 -12.74 6.20 8.50
N VAL A 88 -13.39 5.32 9.27
CA VAL A 88 -12.82 4.85 10.54
C VAL A 88 -12.26 3.46 10.29
N MET A 89 -10.94 3.37 10.27
CA MET A 89 -10.23 2.16 9.88
C MET A 89 -9.45 1.60 11.06
N GLU A 90 -9.09 0.32 10.95
CA GLU A 90 -8.28 -0.28 11.98
C GLU A 90 -6.92 0.44 11.98
N TYR A 91 -6.45 0.70 13.19
CA TYR A 91 -5.20 1.42 13.44
C TYR A 91 -4.00 0.47 13.35
N ALA A 92 -3.03 0.83 12.51
CA ALA A 92 -1.79 0.07 12.38
C ALA A 92 -0.72 0.80 13.18
N ASN A 93 -0.44 0.32 14.40
CA ASN A 93 0.47 1.07 15.29
C ASN A 93 1.95 1.04 14.92
N GLY A 94 2.34 0.19 13.97
CA GLY A 94 3.73 0.07 13.53
C GLY A 94 4.19 1.03 12.44
N GLY A 95 3.30 1.90 11.98
CA GLY A 95 3.65 2.91 11.00
C GLY A 95 3.91 2.32 9.63
N GLU A 96 4.51 3.14 8.76
CA GLU A 96 4.79 2.75 7.39
C GLU A 96 6.08 1.95 7.29
N LEU A 97 6.10 1.00 6.37
CA LEU A 97 7.34 0.27 6.06
C LEU A 97 8.48 1.24 5.71
N PHE A 98 8.13 2.38 5.10
CA PHE A 98 9.05 3.48 4.79
C PHE A 98 9.83 3.99 6.03
N PHE A 99 9.12 4.13 7.14
CA PHE A 99 9.72 4.50 8.42
C PHE A 99 10.82 3.53 8.84
N HIS A 100 10.49 2.25 8.78
CA HIS A 100 11.38 1.19 9.25
C HIS A 100 12.58 0.99 8.35
N LEU A 101 12.33 0.97 7.05
CA LEU A 101 13.43 0.80 6.11
C LEU A 101 14.37 2.00 6.13
N SER A 102 13.81 3.20 6.27
CA SER A 102 14.63 4.41 6.38
C SER A 102 15.59 4.31 7.57
N ARG A 103 15.08 3.82 8.69
CA ARG A 103 15.89 3.66 9.91
C ARG A 103 16.96 2.57 9.76
N GLU A 104 16.56 1.40 9.27
CA GLU A 104 17.45 0.26 9.21
C GLU A 104 18.34 0.22 7.96
N ARG A 105 18.01 1.06 6.98
CA ARG A 105 18.67 1.13 5.65
C ARG A 105 18.36 -0.06 4.73
N VAL A 106 18.36 -1.27 5.28
CA VAL A 106 18.12 -2.47 4.47
C VAL A 106 17.60 -3.58 5.39
N PHE A 107 16.76 -4.45 4.83
CA PHE A 107 16.30 -5.63 5.57
C PHE A 107 17.10 -6.86 5.15
N THR A 108 17.16 -7.86 6.03
CA THR A 108 17.63 -9.17 5.62
C THR A 108 16.69 -9.75 4.56
N GLU A 109 17.21 -10.70 3.79
CA GLU A 109 16.41 -11.37 2.78
C GLU A 109 15.24 -12.11 3.42
N GLU A 110 15.46 -12.70 4.60
CA GLU A 110 14.39 -13.40 5.31
C GLU A 110 13.27 -12.43 5.73
N ARG A 111 13.64 -11.26 6.22
CA ARG A 111 12.65 -10.27 6.62
C ARG A 111 11.92 -9.74 5.39
N ALA A 112 12.66 -9.44 4.32
CA ALA A 112 12.04 -9.04 3.05
C ALA A 112 11.09 -10.12 2.52
N ARG A 113 11.48 -11.38 2.65
CA ARG A 113 10.65 -12.49 2.18
C ARG A 113 9.31 -12.56 2.93
N PHE A 114 9.35 -12.31 4.24
CA PHE A 114 8.14 -12.30 5.03
C PHE A 114 7.14 -11.24 4.55
N TYR A 115 7.62 -10.01 4.46
CA TYR A 115 6.77 -8.91 4.00
C TYR A 115 6.32 -9.15 2.57
N GLY A 116 7.25 -9.57 1.72
CA GLY A 116 6.93 -9.89 0.32
C GLY A 116 5.82 -10.91 0.16
N ALA A 117 5.85 -11.97 0.97
CA ALA A 117 4.83 -13.02 0.96
C ALA A 117 3.47 -12.46 1.36
N GLU A 118 3.43 -11.62 2.38
CA GLU A 118 2.16 -11.01 2.78
C GLU A 118 1.62 -10.09 1.68
N ILE A 119 2.49 -9.34 1.04
CA ILE A 119 2.08 -8.48 -0.08
C ILE A 119 1.55 -9.30 -1.26
N VAL A 120 2.24 -10.39 -1.59
CA VAL A 120 1.78 -11.30 -2.68
C VAL A 120 0.38 -11.84 -2.39
N SER A 121 0.17 -12.22 -1.13
CA SER A 121 -1.12 -12.73 -0.67
C SER A 121 -2.24 -11.70 -0.87
N ALA A 122 -1.98 -10.47 -0.44
CA ALA A 122 -2.93 -9.37 -0.60
C ALA A 122 -3.21 -9.07 -2.07
N LEU A 123 -2.15 -9.08 -2.89
CA LEU A 123 -2.33 -8.81 -4.33
C LEU A 123 -3.09 -9.94 -5.02
N GLU A 124 -2.78 -11.18 -4.66
CA GLU A 124 -3.53 -12.33 -5.15
C GLU A 124 -5.01 -12.17 -4.81
N TYR A 125 -5.30 -11.80 -3.57
CA TYR A 125 -6.68 -11.60 -3.13
C TYR A 125 -7.36 -10.48 -3.94
N LEU A 126 -6.70 -9.33 -4.06
CA LEU A 126 -7.26 -8.19 -4.82
C LEU A 126 -7.52 -8.58 -6.28
N HIS A 127 -6.55 -9.22 -6.91
CA HIS A 127 -6.69 -9.67 -8.30
C HIS A 127 -7.85 -10.69 -8.43
N SER A 128 -8.06 -11.51 -7.40
CA SER A 128 -9.17 -12.48 -7.38
C SER A 128 -10.53 -11.82 -7.25
N ARG A 129 -10.55 -10.56 -6.80
CA ARG A 129 -11.74 -9.75 -6.73
C ARG A 129 -11.81 -8.75 -7.88
N ASP A 130 -11.01 -8.98 -8.93
CA ASP A 130 -10.97 -8.13 -10.13
C ASP A 130 -10.51 -6.70 -9.85
N VAL A 131 -9.67 -6.54 -8.83
CA VAL A 131 -9.12 -5.24 -8.46
C VAL A 131 -7.62 -5.19 -8.75
N VAL A 132 -7.18 -4.14 -9.43
CA VAL A 132 -5.76 -3.86 -9.62
C VAL A 132 -5.41 -2.67 -8.73
N TYR A 133 -4.35 -2.83 -7.95
CA TYR A 133 -4.06 -1.85 -6.88
C TYR A 133 -3.35 -0.57 -7.41
N ARG A 134 -2.32 -0.75 -8.23
CA ARG A 134 -1.65 0.32 -8.97
C ARG A 134 -0.75 1.28 -8.20
N ASP A 135 -0.69 1.17 -6.87
CA ASP A 135 0.15 2.10 -6.11
C ASP A 135 0.94 1.44 -5.00
N ILE A 136 1.51 0.25 -5.27
CA ILE A 136 2.40 -0.41 -4.32
C ILE A 136 3.60 0.52 -4.11
N LYS A 137 3.89 0.82 -2.85
CA LYS A 137 5.06 1.58 -2.44
C LYS A 137 5.23 1.52 -0.93
N LEU A 138 6.44 1.84 -0.46
CA LEU A 138 6.74 1.75 0.97
C LEU A 138 5.82 2.55 1.87
N GLU A 139 5.37 3.72 1.39
CA GLU A 139 4.49 4.59 2.18
C GLU A 139 3.07 4.03 2.33
N ASN A 140 2.69 3.11 1.44
CA ASN A 140 1.34 2.51 1.46
C ASN A 140 1.32 1.12 2.07
N LEU A 141 2.43 0.73 2.69
CA LEU A 141 2.52 -0.54 3.38
C LEU A 141 2.81 -0.23 4.84
N MET A 142 1.90 -0.65 5.71
CA MET A 142 2.07 -0.41 7.13
C MET A 142 2.27 -1.71 7.88
N LEU A 143 2.68 -1.62 9.15
CA LEU A 143 2.82 -2.77 10.03
C LEU A 143 1.80 -2.64 11.13
N ASP A 144 1.00 -3.68 11.34
CA ASP A 144 0.02 -3.68 12.42
C ASP A 144 0.70 -4.03 13.75
N LYS A 145 -0.09 -4.09 14.82
CA LYS A 145 0.44 -4.30 16.17
C LYS A 145 1.25 -5.58 16.35
N ASP A 146 0.99 -6.58 15.52
CA ASP A 146 1.72 -7.85 15.57
C ASP A 146 2.88 -7.94 14.58
N GLY A 147 2.99 -6.94 13.69
CA GLY A 147 4.09 -6.91 12.71
C GLY A 147 3.71 -7.41 11.33
N HIS A 148 2.41 -7.51 11.06
CA HIS A 148 1.93 -7.93 9.74
C HIS A 148 1.71 -6.72 8.83
N ILE A 149 1.87 -6.95 7.53
CA ILE A 149 1.61 -5.95 6.50
C ILE A 149 0.15 -5.55 6.44
N LYS A 150 -0.08 -4.25 6.28
CA LYS A 150 -1.40 -3.74 5.94
C LYS A 150 -1.25 -2.79 4.76
N ILE A 151 -1.85 -3.13 3.62
CA ILE A 151 -1.91 -2.22 2.48
C ILE A 151 -2.97 -1.13 2.74
N THR A 152 -2.64 0.11 2.36
CA THR A 152 -3.47 1.29 2.58
C THR A 152 -3.65 2.00 1.25
N ASP A 153 -4.43 3.09 1.24
CA ASP A 153 -4.54 4.00 0.09
C ASP A 153 -5.07 3.32 -1.18
N PHE A 154 -6.36 3.00 -1.18
CA PHE A 154 -7.03 2.30 -2.29
C PHE A 154 -7.65 3.20 -3.37
N GLY A 155 -7.42 4.50 -3.29
CA GLY A 155 -7.98 5.46 -4.24
C GLY A 155 -7.62 5.28 -5.71
N LEU A 156 -6.46 4.65 -5.98
CA LEU A 156 -6.02 4.43 -7.36
C LEU A 156 -6.33 3.03 -7.89
N CYS A 157 -7.04 2.22 -7.11
CA CYS A 157 -7.49 0.91 -7.58
C CYS A 157 -8.35 1.03 -8.84
N LYS A 158 -8.25 0.05 -9.71
CA LYS A 158 -9.25 -0.13 -10.77
C LYS A 158 -10.03 -1.40 -10.49
N GLU A 159 -11.37 -1.28 -10.55
CA GLU A 159 -12.26 -2.42 -10.34
C GLU A 159 -12.66 -3.03 -11.66
N GLY A 160 -13.14 -4.28 -11.61
CA GLY A 160 -13.69 -4.93 -12.79
C GLY A 160 -12.66 -5.37 -13.81
N ILE A 161 -11.46 -5.68 -13.34
CA ILE A 161 -10.35 -6.11 -14.18
C ILE A 161 -10.04 -7.58 -13.90
N SER A 162 -10.50 -8.45 -14.80
CA SER A 162 -10.24 -9.88 -14.71
C SER A 162 -9.30 -10.29 -15.85
N ASP A 163 -8.65 -11.44 -15.68
CA ASP A 163 -7.88 -12.05 -16.76
C ASP A 163 -6.93 -11.00 -17.36
N GLY A 164 -7.02 -10.76 -18.67
CA GLY A 164 -6.19 -9.76 -19.35
C GLY A 164 -6.92 -8.48 -19.75
N ALA A 165 -7.90 -8.07 -18.96
CA ALA A 165 -8.55 -6.77 -19.16
C ALA A 165 -7.55 -5.67 -18.88
N THR A 166 -7.74 -4.51 -19.52
CA THR A 166 -6.76 -3.43 -19.47
C THR A 166 -7.32 -2.12 -18.92
N MET A 167 -6.39 -1.21 -18.64
CA MET A 167 -6.66 0.08 -18.03
C MET A 167 -5.88 1.16 -18.78
N LYS A 168 -6.37 2.40 -18.70
CA LYS A 168 -5.78 3.52 -19.45
C LYS A 168 -5.22 4.66 -18.62
N PHE A 170 -3.16 7.19 -16.56
CA PHE A 170 -1.77 7.43 -16.18
C PHE A 170 -1.82 7.81 -14.71
N CYS A 171 -1.44 6.88 -13.85
CA CYS A 171 -1.50 7.13 -12.41
C CYS A 171 -0.56 6.20 -11.69
N GLY A 172 -0.32 6.53 -10.43
CA GLY A 172 0.55 5.77 -9.56
C GLY A 172 1.44 6.71 -8.77
N THR A 173 2.69 6.32 -8.60
CA THR A 173 3.71 7.17 -7.99
C THR A 173 4.90 7.11 -8.94
N PRO A 174 5.45 8.28 -9.34
CA PRO A 174 6.50 8.34 -10.39
C PRO A 174 7.62 7.31 -10.28
N GLU A 175 8.19 7.19 -9.07
CA GLU A 175 9.35 6.34 -8.82
C GLU A 175 9.01 4.87 -8.99
N TYR A 176 7.72 4.54 -8.88
CA TYR A 176 7.25 3.16 -8.92
C TYR A 176 6.51 2.78 -10.20
N LEU A 177 6.38 3.71 -11.13
CA LEU A 177 5.64 3.44 -12.36
C LEU A 177 6.26 2.32 -13.18
N ALA A 178 5.43 1.39 -13.65
CA ALA A 178 5.90 0.31 -14.49
C ALA A 178 6.20 0.87 -15.90
N PRO A 179 7.18 0.27 -16.59
CA PRO A 179 7.52 0.77 -17.94
C PRO A 179 6.33 0.87 -18.90
N GLU A 180 5.44 -0.13 -18.87
CA GLU A 180 4.31 -0.12 -19.78
C GLU A 180 3.38 1.08 -19.54
N VAL A 181 3.29 1.52 -18.29
CA VAL A 181 2.48 2.69 -17.96
C VAL A 181 3.08 3.98 -18.53
N LEU A 182 4.38 3.97 -18.80
CA LEU A 182 5.07 5.11 -19.39
C LEU A 182 5.05 5.07 -20.93
N GLU A 183 4.29 4.14 -21.49
CA GLU A 183 4.00 4.11 -22.92
C GLU A 183 2.54 4.49 -23.16
N ASP A 184 2.19 4.80 -24.40
CA ASP A 184 0.83 5.18 -24.72
C ASP A 184 -0.08 3.98 -24.63
N ASN A 185 -1.38 4.24 -24.54
CA ASN A 185 -2.40 3.19 -24.63
C ASN A 185 -2.50 2.40 -23.31
N ASP A 186 -2.95 1.16 -23.38
CA ASP A 186 -3.47 0.47 -22.19
C ASP A 186 -2.47 -0.50 -21.56
N TYR A 187 -2.75 -0.88 -20.32
CA TYR A 187 -1.89 -1.81 -19.60
C TYR A 187 -2.76 -2.72 -18.73
N GLY A 188 -2.19 -3.85 -18.33
CA GLY A 188 -2.90 -4.85 -17.55
C GLY A 188 -2.43 -4.94 -16.11
N ARG A 189 -2.93 -5.96 -15.43
CA ARG A 189 -2.74 -6.10 -13.97
C ARG A 189 -1.30 -6.42 -13.54
N ALA A 190 -0.45 -6.79 -14.49
CA ALA A 190 0.98 -7.06 -14.20
C ALA A 190 1.73 -5.85 -13.61
N VAL A 191 1.17 -4.65 -13.73
CA VAL A 191 1.78 -3.47 -13.10
C VAL A 191 1.98 -3.67 -11.59
N ASP A 192 1.09 -4.44 -10.97
CA ASP A 192 1.21 -4.68 -9.51
C ASP A 192 2.44 -5.51 -9.14
N TRP A 193 2.86 -6.39 -10.04
CA TRP A 193 4.07 -7.19 -9.79
C TRP A 193 5.35 -6.37 -9.99
N TRP A 194 5.33 -5.43 -10.93
CA TRP A 194 6.40 -4.43 -11.02
C TRP A 194 6.55 -3.68 -9.69
N GLY A 195 5.42 -3.17 -9.18
CA GLY A 195 5.41 -2.48 -7.89
C GLY A 195 6.01 -3.30 -6.76
N LEU A 196 5.61 -4.57 -6.68
CA LEU A 196 6.18 -5.50 -5.72
C LEU A 196 7.70 -5.60 -5.90
N GLY A 197 8.13 -5.72 -7.15
CA GLY A 197 9.55 -5.73 -7.46
C GLY A 197 10.30 -4.51 -6.93
N VAL A 198 9.73 -3.32 -7.05
CA VAL A 198 10.41 -2.10 -6.58
C VAL A 198 10.54 -2.13 -5.06
N VAL A 199 9.48 -2.46 -4.35
CA VAL A 199 9.54 -2.52 -2.90
C VAL A 199 10.47 -3.63 -2.41
N MET A 200 10.45 -4.79 -3.06
CA MET A 200 11.39 -5.86 -2.72
C MET A 200 12.84 -5.43 -2.97
N TYR A 201 13.05 -4.71 -4.07
CA TYR A 201 14.38 -4.18 -4.39
C TYR A 201 14.85 -3.21 -3.31
N GLU A 202 13.98 -2.28 -2.93
CA GLU A 202 14.26 -1.35 -1.84
C GLU A 202 14.57 -2.07 -0.53
N MET A 203 13.80 -3.10 -0.21
CA MET A 203 13.96 -3.81 1.07
C MET A 203 15.28 -4.57 1.15
N MET A 204 15.72 -5.18 0.05
CA MET A 204 16.94 -5.99 0.06
C MET A 204 18.21 -5.26 -0.41
N CYS A 205 18.06 -4.16 -1.14
CA CYS A 205 19.19 -3.41 -1.70
C CYS A 205 19.36 -2.00 -1.12
N GLY A 206 18.36 -1.50 -0.40
CA GLY A 206 18.47 -0.25 0.35
C GLY A 206 18.31 1.03 -0.46
N ARG A 207 17.81 0.90 -1.68
CA ARG A 207 17.58 2.05 -2.55
C ARG A 207 16.54 1.70 -3.60
N LEU A 208 15.96 2.71 -4.23
CA LEU A 208 15.13 2.47 -5.41
C LEU A 208 16.02 1.93 -6.53
N PRO A 209 15.47 1.05 -7.38
CA PRO A 209 16.24 0.57 -8.51
C PRO A 209 16.54 1.68 -9.54
N PHE A 210 15.63 2.65 -9.65
CA PHE A 210 15.78 3.79 -10.55
C PHE A 210 15.44 5.07 -9.84
N TYR A 211 16.29 6.09 -9.92
CA TYR A 211 15.94 7.35 -9.31
C TYR A 211 16.63 8.55 -9.93
N ASN A 212 15.85 9.60 -10.20
CA ASN A 212 16.35 10.93 -10.48
C ASN A 212 15.32 11.94 -9.98
N GLN A 213 15.79 13.08 -9.47
CA GLN A 213 14.89 14.15 -9.00
C GLN A 213 14.02 14.72 -10.12
N ASP A 214 14.52 14.66 -11.36
CA ASP A 214 13.77 15.13 -12.51
C ASP A 214 12.98 13.98 -13.13
N HIS A 215 11.66 14.13 -13.19
CA HIS A 215 10.79 13.05 -13.69
C HIS A 215 11.10 12.61 -15.12
N GLU A 216 11.50 13.54 -15.98
CA GLU A 216 11.84 13.16 -17.35
C GLU A 216 12.98 12.15 -17.36
N ARG A 217 14.02 12.41 -16.56
CA ARG A 217 15.15 11.49 -16.46
C ARG A 217 14.73 10.22 -15.72
N LEU A 218 13.93 10.36 -14.66
CA LEU A 218 13.42 9.18 -13.93
C LEU A 218 12.70 8.23 -14.87
N PHE A 219 11.82 8.78 -15.72
CA PHE A 219 11.04 7.93 -16.63
C PHE A 219 11.91 7.27 -17.71
N GLU A 220 12.94 7.99 -18.16
CA GLU A 220 13.95 7.41 -19.06
C GLU A 220 14.67 6.23 -18.43
N LEU A 221 15.04 6.35 -17.16
CA LEU A 221 15.68 5.25 -16.45
C LEU A 221 14.77 4.02 -16.40
N ILE A 222 13.53 4.23 -15.99
CA ILE A 222 12.58 3.13 -15.85
C ILE A 222 12.39 2.41 -17.17
N LEU A 223 12.25 3.18 -18.26
CA LEU A 223 12.08 2.59 -19.60
C LEU A 223 13.32 1.93 -20.19
N MET A 224 14.50 2.53 -19.95
CA MET A 224 15.72 2.24 -20.72
C MET A 224 16.87 1.61 -19.92
N GLU A 225 16.90 1.81 -18.61
CA GLU A 225 18.07 1.42 -17.82
C GLU A 225 17.93 0.00 -17.26
N GLU A 226 19.04 -0.72 -17.26
CA GLU A 226 19.07 -2.07 -16.70
C GLU A 226 19.31 -1.96 -15.20
N ILE A 227 18.64 -2.82 -14.43
CA ILE A 227 18.84 -2.79 -12.98
C ILE A 227 20.17 -3.43 -12.64
N ARG A 228 20.66 -3.04 -11.48
CA ARG A 228 21.90 -3.55 -10.92
C ARG A 228 21.61 -4.18 -9.57
N PHE A 229 22.44 -5.16 -9.21
CA PHE A 229 22.32 -5.86 -7.96
C PHE A 229 23.63 -5.84 -7.17
N PRO A 230 23.56 -5.72 -5.84
CA PRO A 230 24.75 -5.91 -5.00
C PRO A 230 25.32 -7.29 -5.24
N ARG A 231 26.66 -7.41 -5.30
CA ARG A 231 27.29 -8.70 -5.63
C ARG A 231 26.86 -9.82 -4.69
N THR A 232 26.64 -9.48 -3.42
CA THR A 232 26.37 -10.44 -2.37
C THR A 232 24.90 -10.88 -2.25
N LEU A 233 24.00 -10.24 -2.98
CA LEU A 233 22.59 -10.67 -2.99
C LEU A 233 22.54 -12.14 -3.38
N SER A 234 21.68 -12.93 -2.74
CA SER A 234 21.58 -14.35 -3.10
C SER A 234 21.13 -14.48 -4.55
N PRO A 235 21.49 -15.59 -5.21
CA PRO A 235 21.04 -15.80 -6.59
C PRO A 235 19.53 -15.82 -6.70
N GLU A 236 18.86 -16.38 -5.69
CA GLU A 236 17.39 -16.45 -5.69
C GLU A 236 16.75 -15.05 -5.56
N ALA A 237 17.36 -14.18 -4.75
CA ALA A 237 16.90 -12.80 -4.66
C ALA A 237 17.13 -12.03 -5.97
N LYS A 238 18.33 -12.20 -6.57
CA LYS A 238 18.61 -11.61 -7.87
C LYS A 238 17.60 -12.06 -8.92
N SER A 239 17.32 -13.36 -8.93
CA SER A 239 16.37 -13.94 -9.88
C SER A 239 14.96 -13.38 -9.66
N LEU A 240 14.52 -13.30 -8.41
CA LEU A 240 13.20 -12.72 -8.13
C LEU A 240 13.08 -11.28 -8.62
N LEU A 241 14.06 -10.46 -8.27
CA LEU A 241 14.02 -9.05 -8.62
C LEU A 241 14.09 -8.84 -10.13
N ALA A 242 14.96 -9.59 -10.80
CA ALA A 242 15.08 -9.52 -12.27
C ALA A 242 13.75 -9.90 -12.94
N GLY A 243 13.07 -10.88 -12.34
CA GLY A 243 11.79 -11.36 -12.85
C GLY A 243 10.66 -10.36 -12.64
N LEU A 244 10.54 -9.81 -11.44
CA LEU A 244 9.49 -8.84 -11.13
C LEU A 244 9.72 -7.51 -11.86
N LEU A 245 10.98 -7.14 -12.06
CA LEU A 245 11.32 -5.89 -12.73
C LEU A 245 11.70 -6.10 -14.21
N LYS A 246 11.18 -7.17 -14.81
CA LYS A 246 11.27 -7.30 -16.27
C LYS A 246 10.45 -6.17 -16.89
N LYS A 247 10.99 -5.46 -17.87
CA LYS A 247 10.27 -4.29 -18.42
C LYS A 247 9.04 -4.67 -19.25
N ASP A 248 9.10 -5.83 -19.91
CA ASP A 248 7.97 -6.34 -20.69
C ASP A 248 7.00 -7.09 -19.78
N PRO A 249 5.79 -6.55 -19.60
CA PRO A 249 4.89 -7.22 -18.65
C PRO A 249 4.54 -8.66 -19.03
N LYS A 250 4.63 -9.02 -20.31
CA LYS A 250 4.37 -10.40 -20.72
C LYS A 250 5.50 -11.36 -20.33
N GLN A 251 6.71 -10.83 -20.14
CA GLN A 251 7.85 -11.63 -19.70
C GLN A 251 8.08 -11.57 -18.18
N ARG A 252 7.35 -10.68 -17.51
CA ARG A 252 7.51 -10.44 -16.07
C ARG A 252 6.98 -11.61 -15.25
N LEU A 253 7.64 -11.86 -14.12
CA LEU A 253 7.15 -12.80 -13.13
C LEU A 253 5.82 -12.28 -12.57
N GLY A 254 4.77 -13.08 -12.76
CA GLY A 254 3.39 -12.69 -12.45
C GLY A 254 2.65 -12.12 -13.64
N GLY A 255 3.36 -11.90 -14.74
CA GLY A 255 2.78 -11.32 -15.96
C GLY A 255 2.03 -12.31 -16.83
N GLY A 256 2.20 -13.60 -16.57
CA GLY A 256 1.55 -14.65 -17.35
C GLY A 256 0.11 -14.88 -16.92
N PRO A 257 -0.57 -15.87 -17.54
CA PRO A 257 -1.97 -16.13 -17.26
C PRO A 257 -2.27 -16.52 -15.81
N SER A 258 -1.29 -17.12 -15.12
CA SER A 258 -1.52 -17.56 -13.74
C SER A 258 -1.17 -16.49 -12.68
N ASP A 259 -0.74 -15.31 -13.13
CA ASP A 259 -0.67 -14.14 -12.25
C ASP A 259 0.13 -14.43 -10.97
N ALA A 260 -0.48 -14.28 -9.80
CA ALA A 260 0.23 -14.42 -8.53
C ALA A 260 0.87 -15.79 -8.37
N LYS A 261 0.25 -16.84 -8.93
CA LYS A 261 0.81 -18.19 -8.86
C LYS A 261 2.29 -18.23 -9.27
N GLU A 262 2.60 -17.55 -10.37
CA GLU A 262 3.97 -17.51 -10.89
C GLU A 262 4.94 -16.98 -9.85
N VAL A 263 4.51 -15.95 -9.14
CA VAL A 263 5.36 -15.31 -8.14
C VAL A 263 5.53 -16.26 -6.96
N MET A 264 4.43 -16.88 -6.54
CA MET A 264 4.45 -17.78 -5.37
C MET A 264 5.35 -18.98 -5.61
N GLU A 265 5.46 -19.41 -6.85
CA GLU A 265 6.26 -20.56 -7.23
C GLU A 265 7.73 -20.23 -7.48
N HIS A 266 8.12 -18.97 -7.35
CA HIS A 266 9.52 -18.61 -7.55
C HIS A 266 10.40 -19.20 -6.43
N ARG A 267 11.59 -19.67 -6.80
CA ARG A 267 12.51 -20.27 -5.82
C ARG A 267 12.80 -19.41 -4.60
N PHE A 268 12.73 -18.07 -4.75
CA PHE A 268 12.92 -17.19 -3.60
C PHE A 268 11.93 -17.48 -2.47
N PHE A 269 10.72 -17.93 -2.83
CA PHE A 269 9.66 -18.23 -1.87
C PHE A 269 9.50 -19.73 -1.61
N LEU A 270 10.52 -20.51 -1.92
CA LEU A 270 10.45 -21.97 -1.77
C LEU A 270 10.07 -22.38 -0.35
N SER A 271 10.57 -21.63 0.64
CA SER A 271 10.33 -21.90 2.06
C SER A 271 8.98 -21.45 2.59
N ILE A 272 8.17 -20.80 1.76
CA ILE A 272 6.91 -20.24 2.22
C ILE A 272 5.78 -21.23 1.99
N ASN A 273 4.97 -21.44 3.03
CA ASN A 273 3.73 -22.20 2.91
C ASN A 273 2.62 -21.18 2.71
N TRP A 274 2.12 -21.06 1.49
CA TRP A 274 1.23 -19.95 1.13
C TRP A 274 -0.10 -19.97 1.86
N GLN A 275 -0.50 -21.15 2.30
CA GLN A 275 -1.69 -21.33 3.12
C GLN A 275 -1.45 -20.80 4.54
N ASP A 276 -0.29 -21.10 5.13
CA ASP A 276 0.08 -20.52 6.41
C ASP A 276 0.08 -18.98 6.36
N VAL A 277 0.46 -18.41 5.21
CA VAL A 277 0.64 -16.95 5.12
C VAL A 277 -0.63 -16.20 5.48
N VAL A 278 -1.73 -16.51 4.81
CA VAL A 278 -2.99 -15.81 5.05
C VAL A 278 -3.56 -16.12 6.44
N GLN A 279 -3.19 -17.27 6.99
CA GLN A 279 -3.67 -17.67 8.31
C GLN A 279 -2.83 -17.09 9.46
N LYS A 280 -1.77 -16.36 9.12
CA LYS A 280 -0.92 -15.68 10.13
C LYS A 280 -0.35 -16.65 11.17
N LYS A 281 0.21 -17.77 10.70
CA LYS A 281 0.83 -18.76 11.57
C LYS A 281 2.32 -18.49 11.79
N LEU A 282 2.95 -17.76 10.87
CA LEU A 282 4.38 -17.43 10.97
C LEU A 282 4.58 -16.25 11.94
N LEU A 283 5.52 -16.40 12.89
CA LEU A 283 5.88 -15.30 13.77
C LEU A 283 6.55 -14.20 12.94
N PRO A 284 5.98 -12.98 12.94
CA PRO A 284 6.62 -11.91 12.21
C PRO A 284 8.06 -11.58 12.68
N PRO A 285 8.86 -10.99 11.78
CA PRO A 285 10.27 -10.70 12.08
C PRO A 285 10.48 -9.53 13.01
N PHE A 286 9.45 -8.71 13.22
CA PHE A 286 9.53 -7.56 14.09
C PHE A 286 8.14 -7.19 14.62
N LYS A 287 8.03 -6.99 15.94
CA LYS A 287 6.78 -6.55 16.54
C LYS A 287 6.94 -5.12 17.05
N PRO A 288 6.06 -4.20 16.62
CA PRO A 288 6.12 -2.84 17.15
C PRO A 288 6.16 -2.81 18.69
N GLN A 289 7.17 -2.15 19.23
CA GLN A 289 7.42 -2.14 20.67
C GLN A 289 6.85 -0.87 21.27
N VAL A 290 5.53 -0.72 21.16
CA VAL A 290 4.84 0.43 21.74
C VAL A 290 4.56 0.15 23.21
N THR A 291 4.52 1.21 24.02
CA THR A 291 4.28 1.05 25.46
C THR A 291 2.84 1.36 25.85
N SER A 292 2.05 1.86 24.90
CA SER A 292 0.62 2.08 25.08
C SER A 292 -0.09 2.20 23.73
N GLU A 293 -1.42 2.21 23.78
CA GLU A 293 -2.22 2.35 22.57
C GLU A 293 -2.06 3.71 21.88
N VAL A 294 -1.64 4.74 22.61
CA VAL A 294 -1.44 6.08 22.03
C VAL A 294 0.04 6.40 21.78
N ASP A 295 0.89 5.40 21.91
CA ASP A 295 2.32 5.53 21.61
C ASP A 295 2.50 5.55 20.09
N THR A 296 2.84 6.73 19.56
CA THR A 296 2.96 6.90 18.11
C THR A 296 4.42 6.99 17.66
N ARG A 297 5.31 6.26 18.35
CA ARG A 297 6.75 6.30 18.05
C ARG A 297 7.13 5.84 16.64
N TYR A 298 6.24 5.13 15.95
CA TYR A 298 6.56 4.68 14.59
C TYR A 298 5.97 5.60 13.53
N PHE A 299 5.56 6.79 13.95
CA PHE A 299 5.11 7.85 13.05
C PHE A 299 6.05 9.04 13.21
N ASP A 300 6.26 9.76 12.12
CA ASP A 300 7.17 10.90 12.12
C ASP A 300 6.68 12.02 13.04
N ASP A 301 7.57 12.54 13.88
CA ASP A 301 7.28 13.67 14.78
C ASP A 301 6.72 14.88 14.05
N GLU A 302 7.13 15.05 12.79
CA GLU A 302 6.56 16.03 11.87
C GLU A 302 5.03 16.10 11.96
N PHE A 303 4.38 14.93 11.96
CA PHE A 303 2.91 14.87 12.04
C PHE A 303 2.41 14.84 13.48
N THR A 304 2.92 13.89 14.26
CA THR A 304 2.38 13.61 15.60
C THR A 304 2.48 14.79 16.58
N ALA A 305 3.43 15.68 16.35
CA ALA A 305 3.59 16.88 17.19
C ALA A 305 2.50 17.92 16.90
N GLN A 306 1.98 17.94 15.67
CA GLN A 306 1.01 18.95 15.26
C GLN A 306 -0.27 18.87 16.10
N SER A 307 -0.69 20.01 16.66
CA SER A 307 -1.93 20.09 17.40
C SER A 307 -3.11 19.91 16.46
N ILE A 308 -4.19 19.33 16.96
CA ILE A 308 -5.41 19.15 16.19
C ILE A 308 -6.56 19.87 16.91
N THR A 309 -7.15 20.84 16.22
CA THR A 309 -8.24 21.66 16.76
C THR A 309 -9.21 22.04 15.65
N MET A 332 -24.29 11.82 -4.75
CA MET A 332 -22.86 11.82 -5.03
C MET A 332 -22.12 10.87 -4.09
N PHE A 333 -22.38 11.00 -2.80
CA PHE A 333 -21.83 10.09 -1.78
C PHE A 333 -22.98 9.30 -1.13
N GLU A 334 -23.87 8.78 -1.97
CA GLU A 334 -25.09 8.11 -1.51
C GLU A 334 -24.84 6.83 -0.72
N ASP A 335 -23.90 6.00 -1.21
CA ASP A 335 -23.63 4.70 -0.58
C ASP A 335 -22.34 4.70 0.23
N PHE A 336 -21.98 5.86 0.78
CA PHE A 336 -20.73 6.01 1.52
C PHE A 336 -20.82 5.43 2.93
N ASP A 337 -21.94 5.68 3.61
CA ASP A 337 -22.09 5.27 5.01
C ASP A 337 -22.01 3.76 5.13
N TYR A 338 -21.34 3.29 6.17
CA TYR A 338 -21.01 1.88 6.31
C TYR A 338 -20.75 1.57 7.77
N ILE A 339 -21.24 0.41 8.20
CA ILE A 339 -20.87 -0.17 9.48
C ILE A 339 -20.48 -1.63 9.20
N ALA A 340 -19.30 -2.01 9.65
CA ALA A 340 -18.77 -3.34 9.37
C ALA A 340 -19.52 -4.41 10.17
N ASP A 341 -19.53 -5.63 9.62
CA ASP A 341 -20.12 -6.79 10.29
C ASP A 341 -19.10 -7.48 11.21
N TRP A 342 -18.07 -6.75 11.66
CA TRP A 342 -17.12 -7.24 12.67
C TRP A 342 -16.90 -6.19 13.76
N GLY B 1 17.65 6.95 2.66
CA GLY B 1 16.25 7.03 3.19
C GLY B 1 15.26 7.66 2.24
N ARG B 2 15.73 8.02 1.03
CA ARG B 2 14.98 8.74 -0.01
C ARG B 2 13.85 9.67 0.45
N PRO B 3 13.59 10.73 -0.36
CA PRO B 3 12.46 11.60 -0.03
C PRO B 3 11.14 10.85 -0.13
N ARG B 4 10.16 11.28 0.68
CA ARG B 4 8.80 10.78 0.59
C ARG B 4 8.24 11.05 -0.79
N THR B 5 7.44 10.11 -1.31
CA THR B 5 6.91 10.19 -2.66
C THR B 5 5.44 10.62 -2.63
N THR B 6 4.89 10.92 -3.80
CA THR B 6 3.53 11.42 -3.91
C THR B 6 2.78 10.72 -5.03
N SER B 7 1.61 10.18 -4.71
CA SER B 7 0.75 9.50 -5.67
C SER B 7 0.11 10.55 -6.57
N PHE B 8 -0.26 10.16 -7.79
CA PHE B 8 -0.90 11.08 -8.72
C PHE B 8 -1.81 10.33 -9.69
N ALA B 9 -2.66 11.08 -10.37
CA ALA B 9 -3.38 10.58 -11.53
C ALA B 9 -3.57 11.74 -12.50
N GLU B 10 -3.44 11.47 -13.79
CA GLU B 10 -3.72 12.46 -14.82
C GLU B 10 -4.92 12.01 -15.63
#